data_3K85
#
_entry.id   3K85
#
_cell.length_a   71.889
_cell.length_b   149.469
_cell.length_c   141.088
_cell.angle_alpha   90.00
_cell.angle_beta   90.00
_cell.angle_gamma   90.00
#
_symmetry.space_group_name_H-M   'C 2 2 21'
#
loop_
_entity.id
_entity.type
_entity.pdbx_description
1 polymer 'D-glycero-D-manno-heptose 1-phosphate kinase'
2 water water
#
_entity_poly.entity_id   1
_entity_poly.type   'polypeptide(L)'
_entity_poly.pdbx_seq_one_letter_code
;(MSE)SLVRSKAPLRLGLAGGGSDVSPYSDIYGGLILNATINLYAYCTIEETNSGRIEINAYDAQCCKSYLS(MSE)SQL
EIDGEASLIKGVYNRIIRDYRLEPKSFKITTYNDAPAGSGLGTSST(MSE)VVCILKAFIEWLSLPLGDYETSRLAYEIE
RKDLGLSGGKQDQYAAAFGGFNY(MSE)EFLQNDLVIVNPLK(MSE)KRWIVDELESS(MSE)VLYFTGRSRSSAAIINE
QKKNTSEGNQTAIEA(MSE)HKIKQSAIDTKLALLKGDVGEFARILGEGWENKKK(MSE)AGAITNP(MSE)IQEAFDVA
TGAGA(MSE)AGKVSGAGGGGFI(MSE)FVVEPTRKEEVVRALNNLNGFV(MSE)PFQFIDDGAHGWKIYSTDKVQKEGH
HHHHH
;
_entity_poly.pdbx_strand_id   A,B
#
# COMPACT_ATOMS: atom_id res chain seq x y z
N LEU A 3 4.06 -27.51 -19.44
CA LEU A 3 5.23 -26.72 -18.93
C LEU A 3 4.78 -25.53 -18.06
N VAL A 4 5.73 -24.93 -17.33
CA VAL A 4 5.43 -23.77 -16.47
C VAL A 4 6.41 -22.65 -16.81
N ARG A 5 6.00 -21.42 -16.62
CA ARG A 5 6.86 -20.27 -16.90
C ARG A 5 6.74 -19.32 -15.72
N SER A 6 7.72 -18.44 -15.54
CA SER A 6 7.66 -17.49 -14.46
C SER A 6 8.55 -16.33 -14.84
N LYS A 7 8.39 -15.21 -14.16
CA LYS A 7 9.21 -14.03 -14.38
C LYS A 7 9.15 -13.18 -13.13
N ALA A 8 10.24 -12.46 -12.86
CA ALA A 8 10.33 -11.60 -11.69
C ALA A 8 10.96 -10.30 -12.11
N PRO A 9 10.52 -9.18 -11.52
CA PRO A 9 11.09 -7.89 -11.89
C PRO A 9 12.32 -7.48 -11.08
N LEU A 10 13.11 -6.59 -11.66
CA LEU A 10 14.31 -6.07 -11.00
C LEU A 10 13.77 -4.86 -10.26
N ARG A 11 14.62 -4.15 -9.55
CA ARG A 11 14.13 -3.01 -8.79
C ARG A 11 15.10 -1.85 -8.72
N LEU A 12 14.57 -0.71 -8.31
CA LEU A 12 15.35 0.51 -8.15
C LEU A 12 15.39 0.74 -6.65
N GLY A 13 16.57 1.02 -6.12
CA GLY A 13 16.71 1.29 -4.71
C GLY A 13 16.44 2.77 -4.54
N LEU A 14 15.23 3.13 -4.15
CA LEU A 14 14.90 4.53 -4.00
C LEU A 14 15.55 5.16 -2.77
N ALA A 15 15.59 4.45 -1.65
CA ALA A 15 16.18 4.99 -0.43
C ALA A 15 16.39 3.98 0.68
N GLY A 16 17.31 4.30 1.59
CA GLY A 16 17.61 3.44 2.72
C GLY A 16 18.57 2.32 2.37
N GLY A 17 19.04 2.32 1.13
CA GLY A 17 19.95 1.29 0.68
C GLY A 17 21.12 1.08 1.63
N GLY A 18 21.22 -0.12 2.18
CA GLY A 18 22.33 -0.41 3.07
C GLY A 18 21.86 -0.74 4.47
N SER A 19 20.78 -0.10 4.90
CA SER A 19 20.23 -0.31 6.23
C SER A 19 19.68 -1.72 6.37
N ASP A 20 19.58 -2.42 5.25
CA ASP A 20 19.06 -3.77 5.24
C ASP A 20 20.11 -4.84 5.47
N VAL A 21 21.38 -4.44 5.41
CA VAL A 21 22.49 -5.36 5.57
C VAL A 21 22.83 -5.67 7.02
N SER A 22 23.10 -6.93 7.31
CA SER A 22 23.48 -7.33 8.66
C SER A 22 24.98 -7.03 8.82
N PRO A 23 25.43 -6.76 10.05
CA PRO A 23 24.60 -6.73 11.26
C PRO A 23 23.82 -5.44 11.47
N TYR A 24 24.12 -4.41 10.69
CA TYR A 24 23.41 -3.14 10.87
C TYR A 24 21.89 -3.28 10.98
N SER A 25 21.28 -4.10 10.13
CA SER A 25 19.83 -4.26 10.20
C SER A 25 19.40 -4.89 11.52
N ASP A 26 20.22 -5.83 12.01
CA ASP A 26 19.92 -6.53 13.25
C ASP A 26 20.14 -5.73 14.53
N ILE A 27 21.14 -4.85 14.51
CA ILE A 27 21.44 -4.03 15.67
C ILE A 27 20.56 -2.79 15.78
N TYR A 28 20.49 -1.99 14.72
CA TYR A 28 19.73 -0.76 14.74
C TYR A 28 18.35 -0.87 14.07
N GLY A 29 18.23 -1.79 13.13
CA GLY A 29 16.99 -1.97 12.41
C GLY A 29 17.12 -1.27 11.07
N GLY A 30 16.55 -1.87 10.01
CA GLY A 30 16.64 -1.25 8.70
C GLY A 30 15.34 -0.69 8.14
N LEU A 31 15.48 0.23 7.19
CA LEU A 31 14.33 0.84 6.54
C LEU A 31 14.63 1.01 5.07
N ILE A 32 13.73 0.50 4.23
CA ILE A 32 13.91 0.57 2.79
C ILE A 32 12.70 0.93 1.95
N LEU A 33 12.94 1.80 0.97
CA LEU A 33 11.89 2.18 0.04
C LEU A 33 12.41 1.85 -1.34
N ASN A 34 11.82 0.83 -1.96
CA ASN A 34 12.23 0.43 -3.31
C ASN A 34 11.01 0.12 -4.17
N ALA A 35 11.25 -0.04 -5.46
CA ALA A 35 10.16 -0.28 -6.39
C ALA A 35 10.62 -1.10 -7.57
N THR A 36 9.85 -2.11 -7.93
CA THR A 36 10.20 -2.95 -9.06
C THR A 36 9.95 -2.23 -10.39
N ILE A 37 10.71 -2.61 -11.41
CA ILE A 37 10.61 -2.00 -12.74
C ILE A 37 10.43 -3.06 -13.83
N ASN A 38 10.00 -2.63 -15.02
CA ASN A 38 9.74 -3.55 -16.12
C ASN A 38 10.92 -4.29 -16.77
N LEU A 39 11.96 -4.58 -16.00
CA LEU A 39 13.11 -5.35 -16.49
C LEU A 39 13.03 -6.64 -15.69
N TYR A 40 12.93 -7.78 -16.37
CA TYR A 40 12.73 -9.04 -15.70
C TYR A 40 13.76 -10.17 -15.83
N ALA A 41 13.44 -11.26 -15.14
CA ALA A 41 14.20 -12.50 -15.14
C ALA A 41 13.12 -13.48 -15.58
N TYR A 42 13.42 -14.35 -16.54
CA TYR A 42 12.39 -15.27 -17.00
C TYR A 42 12.91 -16.66 -16.82
N CYS A 43 11.99 -17.60 -16.72
CA CYS A 43 12.37 -18.99 -16.55
C CYS A 43 11.22 -19.86 -16.99
N THR A 44 11.52 -20.92 -17.72
CA THR A 44 10.47 -21.83 -18.10
C THR A 44 10.98 -23.21 -17.76
N ILE A 45 10.10 -24.02 -17.19
CA ILE A 45 10.45 -25.37 -16.80
C ILE A 45 9.44 -26.34 -17.40
N GLU A 46 9.94 -27.35 -18.10
CA GLU A 46 9.07 -28.34 -18.69
C GLU A 46 9.53 -29.71 -18.26
N GLU A 47 8.63 -30.48 -17.67
CA GLU A 47 8.98 -31.82 -17.20
C GLU A 47 9.20 -32.76 -18.37
N THR A 48 10.08 -33.74 -18.16
CA THR A 48 10.39 -34.72 -19.17
C THR A 48 10.63 -36.07 -18.52
N ASN A 49 10.48 -37.14 -19.32
CA ASN A 49 10.69 -38.49 -18.82
C ASN A 49 11.97 -39.09 -19.40
N SER A 50 12.91 -38.23 -19.78
CA SER A 50 14.17 -38.68 -20.36
C SER A 50 15.18 -39.12 -19.31
N GLY A 51 14.95 -38.74 -18.05
CA GLY A 51 15.86 -39.11 -16.99
C GLY A 51 17.05 -38.17 -16.97
N ARG A 52 16.92 -37.04 -17.65
CA ARG A 52 18.01 -36.06 -17.70
C ARG A 52 17.54 -34.71 -17.15
N ILE A 53 18.47 -33.79 -16.96
CA ILE A 53 18.16 -32.46 -16.49
C ILE A 53 18.99 -31.52 -17.33
N GLU A 54 18.32 -30.86 -18.26
CA GLU A 54 18.97 -29.95 -19.19
C GLU A 54 18.86 -28.48 -18.75
N ILE A 55 20.01 -27.82 -18.69
CA ILE A 55 20.09 -26.42 -18.30
C ILE A 55 20.55 -25.49 -19.44
N ASN A 56 19.70 -24.52 -19.77
CA ASN A 56 20.03 -23.55 -20.81
C ASN A 56 19.84 -22.16 -20.19
N ALA A 57 20.86 -21.70 -19.48
CA ALA A 57 20.83 -20.41 -18.80
C ALA A 57 21.67 -19.32 -19.45
N TYR A 58 21.02 -18.48 -20.25
CA TYR A 58 21.71 -17.40 -20.93
C TYR A 58 22.36 -16.42 -19.94
N ASP A 59 21.83 -16.38 -18.72
CA ASP A 59 22.34 -15.47 -17.70
C ASP A 59 23.58 -16.00 -17.02
N ALA A 60 23.61 -17.30 -16.76
CA ALA A 60 24.78 -17.91 -16.14
C ALA A 60 25.73 -18.36 -17.23
N GLN A 61 25.35 -18.10 -18.48
CA GLN A 61 26.16 -18.47 -19.64
C GLN A 61 26.53 -19.94 -19.60
N CYS A 62 25.52 -20.78 -19.37
CA CYS A 62 25.74 -22.22 -19.30
C CYS A 62 24.70 -22.98 -20.08
N CYS A 63 25.14 -24.06 -20.73
CA CYS A 63 24.25 -24.91 -21.50
C CYS A 63 24.74 -26.34 -21.43
N LYS A 64 24.39 -27.03 -20.35
CA LYS A 64 24.81 -28.41 -20.14
C LYS A 64 23.69 -29.35 -19.73
N SER A 65 23.90 -30.62 -20.03
CA SER A 65 22.94 -31.67 -19.70
C SER A 65 23.61 -32.44 -18.55
N TYR A 66 22.81 -32.91 -17.59
CA TYR A 66 23.33 -33.66 -16.45
C TYR A 66 22.42 -34.85 -16.18
N LEU A 67 22.99 -35.89 -15.56
CA LEU A 67 22.22 -37.08 -15.24
C LEU A 67 21.30 -36.71 -14.07
N SER A 68 20.01 -37.00 -14.22
CA SER A 68 19.01 -36.69 -13.19
C SER A 68 19.42 -37.22 -11.81
N SER A 70 19.45 -36.31 -7.18
CA SER A 70 18.68 -35.71 -6.10
C SER A 70 19.31 -34.38 -5.75
N GLN A 71 20.62 -34.30 -5.92
CA GLN A 71 21.35 -33.07 -5.65
C GLN A 71 22.31 -32.85 -6.80
N LEU A 72 22.72 -31.60 -7.02
CA LEU A 72 23.67 -31.30 -8.09
C LEU A 72 24.85 -30.53 -7.55
N GLU A 73 26.04 -31.02 -7.88
CA GLU A 73 27.28 -30.42 -7.42
C GLU A 73 27.45 -28.98 -7.89
N ILE A 74 27.76 -28.09 -6.96
CA ILE A 74 27.97 -26.70 -7.35
C ILE A 74 29.32 -26.55 -8.06
N ASP A 75 29.33 -26.81 -9.37
CA ASP A 75 30.55 -26.70 -10.17
C ASP A 75 31.03 -25.26 -10.25
N GLY A 76 30.09 -24.35 -10.36
CA GLY A 76 30.41 -22.95 -10.49
C GLY A 76 29.70 -22.53 -11.76
N GLU A 77 28.86 -23.44 -12.23
CA GLU A 77 28.08 -23.22 -13.44
C GLU A 77 26.60 -23.43 -13.12
N ALA A 78 25.79 -22.42 -13.46
CA ALA A 78 24.36 -22.47 -13.20
C ALA A 78 24.16 -22.73 -11.71
N SER A 79 24.92 -22.00 -10.89
CA SER A 79 24.83 -22.16 -9.44
C SER A 79 23.41 -21.87 -8.96
N LEU A 80 22.87 -20.72 -9.38
CA LEU A 80 21.53 -20.30 -9.00
C LEU A 80 20.48 -21.40 -9.22
N ILE A 81 20.48 -21.97 -10.42
CA ILE A 81 19.53 -23.03 -10.74
C ILE A 81 19.79 -24.26 -9.87
N LYS A 82 21.06 -24.62 -9.74
CA LYS A 82 21.45 -25.77 -8.94
C LYS A 82 21.09 -25.53 -7.47
N GLY A 83 21.38 -24.33 -6.96
CA GLY A 83 21.03 -24.02 -5.59
C GLY A 83 19.53 -24.19 -5.32
N VAL A 84 18.71 -23.60 -6.18
CA VAL A 84 17.26 -23.70 -6.01
C VAL A 84 16.81 -25.14 -6.11
N TYR A 85 17.22 -25.81 -7.18
CA TYR A 85 16.84 -27.20 -7.37
C TYR A 85 17.23 -28.07 -6.17
N ASN A 86 18.44 -27.87 -5.63
CA ASN A 86 18.88 -28.69 -4.49
C ASN A 86 18.01 -28.41 -3.25
N ARG A 87 17.88 -27.13 -2.93
CA ARG A 87 17.10 -26.68 -1.78
C ARG A 87 15.69 -27.23 -1.81
N ILE A 88 15.04 -27.21 -2.99
CA ILE A 88 13.67 -27.70 -3.13
C ILE A 88 13.63 -29.22 -2.99
N ILE A 89 14.64 -29.90 -3.50
CA ILE A 89 14.67 -31.37 -3.39
C ILE A 89 14.79 -31.75 -1.91
N ARG A 90 15.63 -31.01 -1.17
CA ARG A 90 15.82 -31.26 0.24
C ARG A 90 14.61 -30.91 1.10
N ASP A 91 14.24 -29.63 1.07
CA ASP A 91 13.11 -29.15 1.85
C ASP A 91 11.83 -29.95 1.70
N TYR A 92 11.60 -30.49 0.51
CA TYR A 92 10.38 -31.25 0.30
C TYR A 92 10.62 -32.75 0.18
N ARG A 93 11.88 -33.17 0.41
CA ARG A 93 12.26 -34.58 0.36
C ARG A 93 11.71 -35.25 -0.89
N LEU A 94 11.98 -34.67 -2.04
CA LEU A 94 11.45 -35.20 -3.31
C LEU A 94 12.40 -36.13 -4.05
N GLU A 95 11.83 -37.02 -4.87
CA GLU A 95 12.61 -37.96 -5.67
C GLU A 95 13.27 -37.19 -6.80
N PRO A 96 14.37 -37.72 -7.35
CA PRO A 96 15.09 -37.04 -8.44
C PRO A 96 14.12 -36.55 -9.54
N LYS A 97 14.43 -35.41 -10.13
CA LYS A 97 13.57 -34.86 -11.18
C LYS A 97 14.24 -34.82 -12.55
N SER A 98 13.43 -34.97 -13.60
CA SER A 98 13.91 -34.93 -14.98
C SER A 98 13.18 -33.79 -15.70
N PHE A 99 13.91 -32.78 -16.15
CA PHE A 99 13.27 -31.64 -16.80
C PHE A 99 14.21 -30.77 -17.61
N LYS A 100 13.63 -29.87 -18.38
CA LYS A 100 14.38 -28.94 -19.20
C LYS A 100 14.07 -27.59 -18.57
N ILE A 101 15.10 -26.76 -18.36
CA ILE A 101 14.90 -25.46 -17.76
C ILE A 101 15.68 -24.37 -18.48
N THR A 102 14.99 -23.32 -18.91
CA THR A 102 15.61 -22.21 -19.62
C THR A 102 15.65 -20.94 -18.80
N THR A 103 16.70 -20.17 -18.94
CA THR A 103 16.83 -18.98 -18.13
C THR A 103 17.52 -17.80 -18.79
N TYR A 104 16.97 -16.60 -18.61
CA TYR A 104 17.60 -15.40 -19.12
C TYR A 104 17.12 -14.17 -18.36
N ASN A 105 17.97 -13.15 -18.33
CA ASN A 105 17.70 -11.91 -17.60
C ASN A 105 17.81 -10.72 -18.54
N ASP A 106 17.20 -9.60 -18.18
CA ASP A 106 17.26 -8.38 -19.01
C ASP A 106 18.37 -7.46 -18.53
N ALA A 107 19.12 -7.90 -17.53
CA ALA A 107 20.22 -7.10 -17.00
C ALA A 107 21.43 -7.97 -16.62
N PRO A 108 22.65 -7.49 -16.94
CA PRO A 108 23.92 -8.18 -16.66
C PRO A 108 24.26 -8.47 -15.19
N ALA A 109 25.38 -9.15 -14.97
CA ALA A 109 25.87 -9.56 -13.65
C ALA A 109 25.91 -8.46 -12.58
N GLY A 110 26.69 -7.41 -12.83
CA GLY A 110 26.81 -6.33 -11.87
C GLY A 110 25.55 -5.49 -11.75
N SER A 111 25.24 -4.74 -12.81
CA SER A 111 24.07 -3.87 -12.88
C SER A 111 23.83 -3.04 -11.64
N GLY A 112 23.20 -3.64 -10.63
CA GLY A 112 22.90 -2.93 -9.40
C GLY A 112 21.39 -2.80 -9.28
N LEU A 113 20.71 -3.80 -9.83
CA LEU A 113 19.25 -3.85 -9.82
C LEU A 113 18.77 -5.12 -9.15
N GLY A 114 19.70 -5.81 -8.49
CA GLY A 114 19.37 -7.06 -7.82
C GLY A 114 19.14 -8.23 -8.75
N THR A 115 19.87 -8.27 -9.86
CA THR A 115 19.73 -9.34 -10.86
C THR A 115 19.69 -10.74 -10.28
N SER A 116 20.70 -11.06 -9.50
CA SER A 116 20.82 -12.38 -8.89
C SER A 116 19.61 -12.78 -8.03
N SER A 117 19.26 -11.93 -7.07
CA SER A 117 18.13 -12.23 -6.20
C SER A 117 16.83 -12.35 -7.03
N THR A 118 16.67 -11.47 -8.00
CA THR A 118 15.48 -11.51 -8.83
C THR A 118 15.40 -12.85 -9.53
N VAL A 120 16.81 -15.78 -8.65
CA VAL A 120 16.56 -16.86 -7.70
C VAL A 120 15.04 -16.90 -7.40
N VAL A 121 14.44 -15.74 -7.19
CA VAL A 121 13.01 -15.69 -6.93
C VAL A 121 12.26 -16.26 -8.13
N CYS A 122 12.63 -15.80 -9.32
CA CYS A 122 12.00 -16.28 -10.54
C CYS A 122 12.08 -17.80 -10.63
N ILE A 123 13.28 -18.35 -10.45
CA ILE A 123 13.45 -19.79 -10.51
C ILE A 123 12.57 -20.46 -9.47
N LEU A 124 12.56 -19.91 -8.25
CA LEU A 124 11.73 -20.47 -7.17
C LEU A 124 10.27 -20.48 -7.60
N LYS A 125 9.83 -19.38 -8.19
CA LYS A 125 8.46 -19.27 -8.64
C LYS A 125 8.13 -20.36 -9.66
N ALA A 126 9.07 -20.66 -10.55
CA ALA A 126 8.81 -21.70 -11.54
C ALA A 126 8.62 -23.02 -10.81
N PHE A 127 9.52 -23.32 -9.87
CA PHE A 127 9.40 -24.57 -9.10
C PHE A 127 8.10 -24.61 -8.30
N ILE A 128 7.76 -23.49 -7.64
CA ILE A 128 6.53 -23.44 -6.85
C ILE A 128 5.33 -23.74 -7.74
N GLU A 129 5.25 -23.06 -8.88
CA GLU A 129 4.17 -23.26 -9.85
C GLU A 129 4.19 -24.73 -10.31
N TRP A 130 5.39 -25.18 -10.67
CA TRP A 130 5.66 -26.54 -11.13
C TRP A 130 5.19 -27.59 -10.11
N LEU A 131 5.69 -27.53 -8.89
CA LEU A 131 5.35 -28.53 -7.87
C LEU A 131 4.29 -28.15 -6.83
N SER A 132 3.44 -27.18 -7.16
CA SER A 132 2.39 -26.73 -6.24
C SER A 132 2.88 -26.64 -4.79
N LEU A 133 4.04 -26.00 -4.61
CA LEU A 133 4.64 -25.85 -3.29
C LEU A 133 3.91 -24.81 -2.43
N PRO A 134 3.79 -25.08 -1.13
CA PRO A 134 3.11 -24.15 -0.21
C PRO A 134 3.99 -22.97 0.22
N LEU A 135 4.46 -22.17 -0.74
CA LEU A 135 5.31 -21.02 -0.44
C LEU A 135 4.74 -19.70 -0.95
N GLY A 136 4.44 -18.79 -0.02
CA GLY A 136 3.89 -17.49 -0.40
C GLY A 136 4.97 -16.42 -0.44
N ASP A 137 4.56 -15.16 -0.56
CA ASP A 137 5.52 -14.07 -0.63
C ASP A 137 6.59 -14.14 0.45
N TYR A 138 6.19 -13.98 1.71
CA TYR A 138 7.17 -14.02 2.79
C TYR A 138 8.08 -15.24 2.75
N GLU A 139 7.52 -16.42 2.61
CA GLU A 139 8.32 -17.65 2.57
C GLU A 139 9.29 -17.69 1.38
N THR A 140 8.84 -17.22 0.22
CA THR A 140 9.67 -17.22 -0.98
C THR A 140 10.87 -16.28 -0.85
N SER A 141 10.64 -15.09 -0.33
CA SER A 141 11.71 -14.14 -0.15
C SER A 141 12.76 -14.71 0.79
N ARG A 142 12.31 -15.18 1.94
CA ARG A 142 13.20 -15.74 2.96
C ARG A 142 13.96 -16.95 2.41
N LEU A 143 13.27 -17.84 1.70
CA LEU A 143 13.94 -19.00 1.14
C LEU A 143 14.99 -18.57 0.11
N ALA A 144 14.70 -17.50 -0.62
CA ALA A 144 15.60 -17.00 -1.65
C ALA A 144 16.85 -16.41 -1.00
N TYR A 145 16.66 -15.69 0.10
CA TYR A 145 17.78 -15.09 0.82
C TYR A 145 18.66 -16.19 1.38
N GLU A 146 18.02 -17.26 1.84
CA GLU A 146 18.78 -18.37 2.41
C GLU A 146 19.56 -19.17 1.38
N ILE A 147 18.98 -19.39 0.20
CA ILE A 147 19.69 -20.14 -0.83
C ILE A 147 20.89 -19.35 -1.33
N GLU A 148 20.66 -18.08 -1.61
CA GLU A 148 21.71 -17.21 -2.12
C GLU A 148 22.79 -16.85 -1.11
N ARG A 149 22.36 -16.35 0.04
CA ARG A 149 23.28 -15.92 1.08
C ARG A 149 24.01 -17.02 1.86
N LYS A 150 23.32 -18.12 2.18
CA LYS A 150 23.95 -19.20 2.93
C LYS A 150 24.44 -20.32 1.99
N ASP A 151 23.49 -21.07 1.42
CA ASP A 151 23.78 -22.17 0.50
C ASP A 151 24.83 -21.89 -0.57
N LEU A 152 24.90 -20.66 -1.04
CA LEU A 152 25.87 -20.28 -2.07
C LEU A 152 26.92 -19.31 -1.58
N GLY A 153 26.85 -18.94 -0.31
CA GLY A 153 27.82 -18.04 0.29
C GLY A 153 27.82 -16.59 -0.18
N LEU A 154 27.11 -16.30 -1.26
CA LEU A 154 27.04 -14.95 -1.81
C LEU A 154 26.64 -13.97 -0.72
N SER A 155 27.29 -12.81 -0.66
CA SER A 155 26.97 -11.83 0.35
C SER A 155 26.00 -10.75 -0.16
N GLY A 156 25.47 -9.94 0.75
CA GLY A 156 24.54 -8.89 0.35
C GLY A 156 23.41 -8.61 1.33
N GLY A 157 22.56 -7.64 0.99
CA GLY A 157 21.44 -7.27 1.83
C GLY A 157 20.20 -8.15 1.70
N LYS A 158 19.04 -7.59 2.01
CA LYS A 158 17.81 -8.37 1.95
C LYS A 158 16.73 -7.76 1.07
N GLN A 159 16.83 -6.46 0.83
CA GLN A 159 15.82 -5.78 0.04
C GLN A 159 15.51 -6.42 -1.31
N ASP A 160 16.54 -6.88 -2.01
CA ASP A 160 16.40 -7.51 -3.33
C ASP A 160 15.47 -8.72 -3.38
N GLN A 161 15.64 -9.65 -2.47
CA GLN A 161 14.77 -10.84 -2.50
C GLN A 161 13.30 -10.47 -2.32
N TYR A 162 13.04 -9.58 -1.36
CA TYR A 162 11.67 -9.18 -1.06
C TYR A 162 11.02 -8.35 -2.17
N ALA A 163 11.80 -7.46 -2.79
CA ALA A 163 11.26 -6.63 -3.86
C ALA A 163 10.81 -7.54 -4.99
N ALA A 164 11.65 -8.48 -5.38
CA ALA A 164 11.32 -9.37 -6.48
C ALA A 164 10.05 -10.18 -6.26
N ALA A 165 9.87 -10.72 -5.06
CA ALA A 165 8.70 -11.53 -4.75
C ALA A 165 7.41 -10.75 -4.50
N PHE A 166 7.55 -9.55 -3.91
CA PHE A 166 6.39 -8.72 -3.59
C PHE A 166 5.91 -7.80 -4.71
N GLY A 167 6.82 -7.08 -5.36
CA GLY A 167 6.44 -6.19 -6.44
C GLY A 167 5.86 -4.86 -6.00
N GLY A 168 5.91 -3.87 -6.89
CA GLY A 168 5.38 -2.54 -6.62
C GLY A 168 6.29 -1.63 -5.80
N PHE A 169 5.71 -0.59 -5.19
CA PHE A 169 6.44 0.32 -4.31
C PHE A 169 6.28 -0.23 -2.88
N ASN A 170 7.38 -0.65 -2.28
CA ASN A 170 7.36 -1.21 -0.93
C ASN A 170 8.22 -0.40 0.07
N TYR A 171 7.77 -0.38 1.32
CA TYR A 171 8.50 0.28 2.40
C TYR A 171 8.71 -0.91 3.32
N GLU A 173 10.57 -2.97 6.49
CA GLU A 173 11.16 -2.79 7.81
C GLU A 173 11.94 -4.05 8.11
N PHE A 174 13.26 -3.91 8.14
CA PHE A 174 14.15 -5.03 8.44
C PHE A 174 14.53 -4.80 9.89
N LEU A 175 13.66 -5.29 10.76
CA LEU A 175 13.79 -5.15 12.19
C LEU A 175 14.94 -5.91 12.82
N GLN A 176 15.24 -5.54 14.06
CA GLN A 176 16.30 -6.17 14.84
C GLN A 176 15.84 -7.62 15.04
N ASN A 177 16.76 -8.53 15.30
CA ASN A 177 16.36 -9.93 15.49
C ASN A 177 15.70 -10.37 14.20
N ASP A 178 16.37 -10.04 13.09
CA ASP A 178 15.92 -10.31 11.73
C ASP A 178 14.45 -10.67 11.48
N LEU A 179 13.57 -9.72 11.75
CA LEU A 179 12.15 -9.86 11.49
C LEU A 179 11.95 -8.92 10.30
N VAL A 180 11.00 -9.22 9.42
CA VAL A 180 10.79 -8.35 8.28
C VAL A 180 9.33 -8.03 8.02
N ILE A 181 9.04 -6.76 7.77
CA ILE A 181 7.68 -6.34 7.48
C ILE A 181 7.66 -5.59 6.16
N VAL A 182 6.81 -6.03 5.26
CA VAL A 182 6.69 -5.37 3.97
C VAL A 182 5.37 -4.59 3.92
N ASN A 183 5.46 -3.27 3.82
CA ASN A 183 4.28 -2.44 3.72
C ASN A 183 4.06 -2.18 2.23
N PRO A 184 3.19 -2.98 1.58
CA PRO A 184 2.93 -2.82 0.14
C PRO A 184 2.18 -1.51 -0.06
N LEU A 185 2.80 -0.53 -0.70
CA LEU A 185 2.16 0.76 -0.89
C LEU A 185 1.39 0.95 -2.21
N LYS A 186 0.12 1.35 -2.12
CA LYS A 186 -0.67 1.63 -3.32
C LYS A 186 -0.16 2.98 -3.81
N LYS A 188 -0.68 6.14 -6.29
CA LYS A 188 -1.58 6.78 -7.24
C LYS A 188 -0.91 6.82 -8.62
N ARG A 189 -1.66 6.50 -9.66
CA ARG A 189 -1.11 6.47 -11.01
C ARG A 189 -0.39 7.74 -11.45
N TRP A 190 -0.93 8.90 -11.11
CA TRP A 190 -0.29 10.14 -11.52
C TRP A 190 1.07 10.37 -10.87
N ILE A 191 1.28 9.82 -9.67
CA ILE A 191 2.57 9.99 -8.99
C ILE A 191 3.60 9.11 -9.71
N VAL A 192 3.16 7.92 -10.08
CA VAL A 192 4.02 6.99 -10.77
C VAL A 192 4.41 7.55 -12.13
N ASP A 193 3.43 8.07 -12.87
CA ASP A 193 3.70 8.68 -14.17
C ASP A 193 4.60 9.91 -14.00
N GLU A 194 4.33 10.72 -12.98
CA GLU A 194 5.14 11.91 -12.76
C GLU A 194 6.57 11.51 -12.44
N LEU A 195 6.74 10.49 -11.59
CA LEU A 195 8.07 10.03 -11.23
C LEU A 195 8.78 9.43 -12.43
N GLU A 196 8.07 8.65 -13.23
CA GLU A 196 8.68 8.04 -14.41
C GLU A 196 9.17 9.08 -15.42
N SER A 197 8.43 10.16 -15.62
CA SER A 197 8.88 11.18 -16.57
C SER A 197 9.95 12.09 -15.97
N SER A 198 10.20 11.92 -14.67
CA SER A 198 11.19 12.70 -13.94
C SER A 198 12.47 11.89 -13.69
N VAL A 200 15.81 9.24 -15.08
CA VAL A 200 16.67 8.70 -16.12
C VAL A 200 17.57 7.62 -15.51
N LEU A 201 17.57 6.44 -16.14
CA LEU A 201 18.39 5.32 -15.71
C LEU A 201 19.58 5.24 -16.65
N TYR A 202 20.78 5.47 -16.12
CA TYR A 202 21.98 5.43 -16.96
C TYR A 202 23.12 4.55 -16.46
N PHE A 203 23.50 3.58 -17.28
CA PHE A 203 24.61 2.68 -16.94
C PHE A 203 25.86 3.19 -17.63
N THR A 204 27.03 2.71 -17.19
CA THR A 204 28.28 3.14 -17.79
C THR A 204 28.87 2.06 -18.69
N GLN A 226 34.58 4.01 10.17
CA GLN A 226 34.00 4.06 11.51
C GLN A 226 32.96 5.16 11.62
N THR A 227 33.24 6.31 11.00
CA THR A 227 32.30 7.42 11.03
C THR A 227 31.02 6.92 10.37
N ALA A 228 31.11 5.75 9.73
CA ALA A 228 29.97 5.12 9.09
C ALA A 228 28.97 4.92 10.22
N ILE A 229 27.83 4.30 9.91
CA ILE A 229 26.81 4.08 10.94
C ILE A 229 26.13 5.41 11.26
N GLU A 230 26.91 6.46 11.47
CA GLU A 230 26.32 7.77 11.73
C GLU A 230 25.77 8.16 10.37
N ALA A 231 26.51 7.78 9.34
CA ALA A 231 26.14 8.05 7.95
C ALA A 231 24.95 7.17 7.57
N HIS A 233 22.71 5.99 9.65
CA HIS A 233 21.50 6.43 10.35
C HIS A 233 20.76 7.46 9.51
N LYS A 234 21.49 8.15 8.64
CA LYS A 234 20.88 9.14 7.78
C LYS A 234 20.25 8.45 6.57
N ILE A 235 20.97 7.48 6.01
CA ILE A 235 20.47 6.71 4.88
C ILE A 235 19.18 6.01 5.29
N LYS A 236 19.14 5.54 6.53
CA LYS A 236 17.94 4.89 7.07
C LYS A 236 16.84 5.96 7.15
N GLN A 237 17.19 7.12 7.68
CA GLN A 237 16.24 8.21 7.83
C GLN A 237 15.65 8.66 6.51
N SER A 238 16.50 8.72 5.49
CA SER A 238 16.07 9.13 4.17
C SER A 238 14.92 8.25 3.67
N ALA A 239 14.93 6.98 4.05
CA ALA A 239 13.86 6.09 3.63
C ALA A 239 12.54 6.64 4.15
N ILE A 240 12.56 7.14 5.38
CA ILE A 240 11.36 7.72 5.97
C ILE A 240 10.96 9.00 5.24
N ASP A 241 11.93 9.89 4.99
CA ASP A 241 11.63 11.15 4.30
C ASP A 241 11.20 10.92 2.86
N THR A 242 11.79 9.92 2.21
CA THR A 242 11.46 9.61 0.83
C THR A 242 10.05 9.06 0.70
N LYS A 243 9.67 8.16 1.61
CA LYS A 243 8.33 7.58 1.58
C LYS A 243 7.32 8.72 1.63
N LEU A 244 7.44 9.54 2.67
CA LEU A 244 6.55 10.66 2.88
C LEU A 244 6.56 11.68 1.73
N ALA A 245 7.68 11.79 1.02
CA ALA A 245 7.77 12.72 -0.09
C ALA A 245 7.02 12.18 -1.33
N LEU A 246 7.31 10.94 -1.68
CA LEU A 246 6.67 10.31 -2.85
C LEU A 246 5.19 9.99 -2.70
N LEU A 247 4.72 9.80 -1.48
CA LEU A 247 3.31 9.52 -1.25
C LEU A 247 2.46 10.75 -1.59
N LYS A 248 3.10 11.92 -1.59
CA LYS A 248 2.41 13.17 -1.88
C LYS A 248 2.72 13.64 -3.31
N GLY A 249 3.64 12.94 -3.98
CA GLY A 249 3.99 13.31 -5.35
C GLY A 249 5.03 14.42 -5.41
N ASP A 250 5.64 14.72 -4.28
CA ASP A 250 6.64 15.77 -4.23
C ASP A 250 7.96 15.26 -4.78
N VAL A 251 8.09 15.25 -6.11
CA VAL A 251 9.31 14.78 -6.74
C VAL A 251 10.50 15.72 -6.44
N GLY A 252 10.21 17.01 -6.29
CA GLY A 252 11.26 17.97 -5.98
C GLY A 252 11.92 17.62 -4.66
N GLU A 253 11.10 17.29 -3.67
CA GLU A 253 11.63 16.92 -2.36
C GLU A 253 12.45 15.64 -2.50
N PHE A 254 12.01 14.75 -3.39
CA PHE A 254 12.73 13.50 -3.61
C PHE A 254 14.11 13.82 -4.18
N ALA A 255 14.15 14.78 -5.08
CA ALA A 255 15.40 15.19 -5.70
C ALA A 255 16.34 15.74 -4.61
N ARG A 256 15.81 16.60 -3.76
CA ARG A 256 16.62 17.17 -2.69
C ARG A 256 17.24 16.07 -1.83
N ILE A 257 16.41 15.13 -1.37
CA ILE A 257 16.88 14.04 -0.53
C ILE A 257 17.99 13.25 -1.22
N LEU A 258 17.83 12.99 -2.51
CA LEU A 258 18.84 12.26 -3.26
C LEU A 258 20.11 13.11 -3.37
N GLY A 259 19.92 14.42 -3.55
CA GLY A 259 21.05 15.32 -3.66
C GLY A 259 21.78 15.48 -2.34
N GLU A 260 21.01 15.66 -1.26
CA GLU A 260 21.61 15.81 0.06
C GLU A 260 22.37 14.54 0.38
N GLY A 261 21.86 13.43 -0.13
CA GLY A 261 22.51 12.15 0.11
C GLY A 261 23.75 11.97 -0.74
N TRP A 262 23.81 12.67 -1.86
CA TRP A 262 24.96 12.59 -2.76
C TRP A 262 26.19 13.23 -2.12
N GLU A 263 26.04 14.49 -1.73
CA GLU A 263 27.11 15.26 -1.11
C GLU A 263 27.67 14.53 0.11
N ASN A 264 26.80 13.80 0.81
CA ASN A 264 27.20 13.05 1.99
C ASN A 264 27.91 11.75 1.62
N LYS A 265 27.66 11.28 0.41
CA LYS A 265 28.29 10.05 -0.07
C LYS A 265 29.68 10.41 -0.58
N LYS A 266 30.12 11.63 -0.30
CA LYS A 266 31.43 12.09 -0.75
C LYS A 266 32.39 12.38 0.40
N LYS A 267 31.89 12.31 1.63
CA LYS A 267 32.72 12.57 2.81
C LYS A 267 32.55 11.50 3.88
N GLU A 279 34.61 10.62 -7.87
CA GLU A 279 36.03 10.47 -8.17
C GLU A 279 36.24 9.70 -9.48
N ALA A 280 35.60 8.53 -9.59
CA ALA A 280 35.73 7.69 -10.78
C ALA A 280 35.10 8.32 -12.02
N PHE A 281 34.27 7.55 -12.71
CA PHE A 281 33.60 8.00 -13.93
C PHE A 281 32.36 8.84 -13.59
N ASP A 282 32.58 10.12 -13.26
CA ASP A 282 31.47 11.01 -12.91
C ASP A 282 31.19 11.91 -14.10
N VAL A 283 31.63 11.48 -15.29
CA VAL A 283 31.42 12.25 -16.50
C VAL A 283 29.91 12.43 -16.63
N ALA A 284 29.18 11.40 -16.21
CA ALA A 284 27.72 11.38 -16.27
C ALA A 284 27.07 12.52 -15.46
N THR A 285 27.35 12.57 -14.17
CA THR A 285 26.76 13.61 -13.33
C THR A 285 27.16 15.00 -13.85
N GLY A 286 28.17 15.05 -14.70
CA GLY A 286 28.62 16.31 -15.28
C GLY A 286 27.48 17.02 -16.01
N ALA A 287 26.63 16.23 -16.66
CA ALA A 287 25.47 16.76 -17.38
C ALA A 287 24.36 17.10 -16.37
N GLY A 288 24.20 18.39 -16.09
CA GLY A 288 23.20 18.85 -15.14
C GLY A 288 21.80 18.24 -15.19
N ALA A 289 21.22 18.08 -14.00
CA ALA A 289 19.89 17.54 -13.79
C ALA A 289 19.55 18.06 -12.39
N ALA A 291 19.47 15.86 -9.49
CA ALA A 291 20.21 15.03 -8.55
C ALA A 291 20.54 13.70 -9.19
N GLY A 292 21.45 12.97 -8.58
CA GLY A 292 21.83 11.66 -9.08
C GLY A 292 22.15 10.76 -7.91
N LYS A 293 22.18 9.46 -8.15
CA LYS A 293 22.48 8.48 -7.11
C LYS A 293 23.03 7.22 -7.76
N VAL A 294 24.15 6.71 -7.23
CA VAL A 294 24.77 5.51 -7.79
C VAL A 294 24.34 4.24 -7.06
N SER A 295 24.14 3.16 -7.80
CA SER A 295 23.74 1.87 -7.21
C SER A 295 24.78 0.80 -7.56
N GLY A 296 25.17 0.02 -6.54
CA GLY A 296 26.15 -1.04 -6.69
C GLY A 296 26.54 -1.47 -8.10
N ALA A 297 27.56 -0.81 -8.66
CA ALA A 297 28.04 -1.12 -10.01
C ALA A 297 26.89 -1.26 -11.01
N GLY A 301 28.76 1.39 -12.49
CA GLY A 301 28.12 1.55 -13.78
C GLY A 301 26.60 1.56 -13.67
N PHE A 302 26.07 2.59 -13.02
CA PHE A 302 24.63 2.73 -12.84
C PHE A 302 24.27 3.98 -12.04
N ILE A 303 23.78 5.01 -12.73
CA ILE A 303 23.39 6.24 -12.07
C ILE A 303 21.91 6.51 -12.26
N PHE A 305 19.17 9.33 -12.18
CA PHE A 305 19.01 10.78 -12.22
C PHE A 305 17.56 11.22 -12.12
N VAL A 306 17.32 12.28 -11.35
CA VAL A 306 15.99 12.83 -11.18
C VAL A 306 15.97 14.21 -11.85
N VAL A 307 15.18 14.35 -12.92
CA VAL A 307 15.11 15.61 -13.64
C VAL A 307 13.69 16.10 -13.92
N GLU A 308 13.57 17.41 -14.14
CA GLU A 308 12.27 18.03 -14.45
C GLU A 308 11.83 17.39 -15.75
N PRO A 309 10.57 16.92 -15.82
CA PRO A 309 10.03 16.28 -17.02
C PRO A 309 10.31 17.01 -18.34
N THR A 310 10.04 18.31 -18.38
CA THR A 310 10.25 19.10 -19.61
C THR A 310 11.72 19.19 -20.01
N ARG A 311 12.60 18.72 -19.13
CA ARG A 311 14.04 18.75 -19.41
C ARG A 311 14.63 17.35 -19.51
N LYS A 312 13.80 16.32 -19.31
CA LYS A 312 14.30 14.97 -19.38
C LYS A 312 14.95 14.59 -20.71
N GLU A 313 14.28 14.89 -21.81
CA GLU A 313 14.82 14.54 -23.13
C GLU A 313 16.24 15.08 -23.35
N GLU A 314 16.49 16.28 -22.86
CA GLU A 314 17.79 16.90 -23.00
C GLU A 314 18.78 16.02 -22.24
N VAL A 315 18.53 15.82 -20.95
CA VAL A 315 19.39 14.99 -20.13
C VAL A 315 19.66 13.66 -20.83
N VAL A 316 18.60 12.98 -21.27
CA VAL A 316 18.76 11.70 -21.94
C VAL A 316 19.62 11.79 -23.19
N ARG A 317 19.45 12.85 -23.97
CA ARG A 317 20.23 13.00 -25.20
C ARG A 317 21.72 13.21 -24.94
N ALA A 318 22.02 14.05 -23.95
CA ALA A 318 23.39 14.35 -23.59
C ALA A 318 24.12 13.10 -23.10
N LEU A 319 23.52 12.40 -22.13
CA LEU A 319 24.13 11.20 -21.58
C LEU A 319 24.36 10.11 -22.64
N ASN A 320 23.40 9.90 -23.53
CA ASN A 320 23.56 8.88 -24.57
C ASN A 320 24.73 9.23 -25.48
N ASN A 321 25.13 10.50 -25.45
CA ASN A 321 26.25 10.95 -26.26
C ASN A 321 27.55 10.61 -25.54
N LEU A 322 27.42 9.95 -24.39
CA LEU A 322 28.58 9.54 -23.62
C LEU A 322 28.93 8.11 -24.02
N ASN A 323 29.89 7.53 -23.32
CA ASN A 323 30.34 6.18 -23.64
C ASN A 323 29.37 5.09 -23.18
N GLY A 324 28.34 5.48 -22.44
CA GLY A 324 27.36 4.53 -21.97
C GLY A 324 25.99 4.78 -22.58
N PHE A 325 24.98 4.04 -22.10
CA PHE A 325 23.63 4.20 -22.63
C PHE A 325 22.59 4.41 -21.53
N VAL A 326 21.48 5.05 -21.90
CA VAL A 326 20.39 5.29 -20.97
C VAL A 326 19.41 4.14 -21.14
N PRO A 328 15.81 2.77 -20.75
CA PRO A 328 14.41 3.16 -20.56
C PRO A 328 13.70 2.13 -19.67
N PHE A 329 12.84 2.62 -18.80
CA PHE A 329 12.14 1.73 -17.89
C PHE A 329 10.78 2.29 -17.49
N GLN A 330 10.01 1.44 -16.83
CA GLN A 330 8.72 1.80 -16.30
C GLN A 330 8.56 1.01 -15.00
N PHE A 331 7.89 1.60 -14.02
CA PHE A 331 7.66 0.93 -12.76
C PHE A 331 6.60 -0.14 -12.99
N ILE A 332 6.74 -1.29 -12.36
CA ILE A 332 5.75 -2.34 -12.53
C ILE A 332 5.23 -2.66 -11.13
N ASP A 333 3.92 -2.77 -10.98
CA ASP A 333 3.34 -3.01 -9.66
C ASP A 333 3.25 -4.46 -9.19
N ASP A 334 3.47 -5.40 -10.10
CA ASP A 334 3.38 -6.81 -9.75
C ASP A 334 4.72 -7.43 -9.37
N GLY A 335 4.65 -8.47 -8.55
CA GLY A 335 5.86 -9.16 -8.15
C GLY A 335 5.98 -10.39 -9.02
N ALA A 336 6.89 -11.27 -8.64
CA ALA A 336 7.14 -12.50 -9.39
C ALA A 336 5.88 -13.37 -9.49
N HIS A 337 5.70 -14.01 -10.65
CA HIS A 337 4.56 -14.90 -10.82
C HIS A 337 4.83 -15.97 -11.85
N GLY A 338 4.06 -17.06 -11.76
CA GLY A 338 4.20 -18.15 -12.67
C GLY A 338 2.87 -18.54 -13.29
N TRP A 339 2.93 -19.29 -14.37
CA TRP A 339 1.73 -19.74 -15.04
C TRP A 339 2.02 -21.06 -15.74
N LYS A 340 0.98 -21.85 -15.98
CA LYS A 340 1.15 -23.13 -16.63
C LYS A 340 0.59 -23.09 -18.03
N ILE A 341 1.27 -23.77 -18.94
CA ILE A 341 0.83 -23.85 -20.32
C ILE A 341 0.54 -25.30 -20.61
N TYR A 342 -0.73 -25.61 -20.81
CA TYR A 342 -1.17 -26.99 -21.08
C TYR A 342 -1.12 -27.30 -22.58
N SER A 343 -0.72 -28.52 -22.90
CA SER A 343 -0.65 -28.96 -24.30
C SER A 343 -1.04 -30.43 -24.43
N LEU B 3 -24.41 17.19 -15.93
CA LEU B 3 -24.42 16.94 -14.46
C LEU B 3 -23.23 16.11 -13.96
N VAL B 4 -22.99 16.17 -12.65
CA VAL B 4 -21.91 15.43 -12.03
C VAL B 4 -22.48 14.56 -10.91
N ARG B 5 -21.82 13.44 -10.64
CA ARG B 5 -22.24 12.53 -9.58
C ARG B 5 -20.99 12.20 -8.79
N SER B 6 -21.17 11.69 -7.59
CA SER B 6 -20.05 11.31 -6.77
C SER B 6 -20.56 10.35 -5.73
N LYS B 7 -19.64 9.58 -5.17
CA LYS B 7 -19.96 8.63 -4.12
C LYS B 7 -18.73 8.45 -3.28
N ALA B 8 -18.94 8.19 -1.99
CA ALA B 8 -17.83 7.99 -1.07
C ALA B 8 -18.15 6.79 -0.23
N PRO B 9 -17.13 6.02 0.14
CA PRO B 9 -17.38 4.84 0.95
C PRO B 9 -17.34 5.11 2.46
N LEU B 10 -18.01 4.24 3.21
CA LEU B 10 -18.01 4.31 4.66
C LEU B 10 -16.82 3.45 5.05
N ARG B 11 -16.48 3.44 6.34
CA ARG B 11 -15.32 2.68 6.79
C ARG B 11 -15.51 1.84 8.04
N LEU B 12 -14.53 0.97 8.28
CA LEU B 12 -14.49 0.06 9.41
C LEU B 12 -13.18 0.35 10.12
N GLY B 13 -13.25 0.60 11.42
CA GLY B 13 -12.04 0.84 12.17
C GLY B 13 -11.46 -0.51 12.55
N LEU B 14 -10.22 -0.78 12.16
CA LEU B 14 -9.64 -2.08 12.48
C LEU B 14 -8.79 -2.01 13.73
N ALA B 15 -8.20 -0.84 13.98
CA ALA B 15 -7.37 -0.66 15.16
C ALA B 15 -6.84 0.77 15.30
N GLY B 16 -6.66 1.20 16.55
CA GLY B 16 -6.15 2.53 16.85
C GLY B 16 -7.24 3.55 17.15
N GLY B 17 -8.49 3.13 16.96
CA GLY B 17 -9.63 3.99 17.19
C GLY B 17 -9.58 4.85 18.44
N GLY B 18 -9.50 6.16 18.26
CA GLY B 18 -9.43 7.06 19.41
C GLY B 18 -8.13 7.83 19.45
N SER B 19 -7.04 7.15 19.12
CA SER B 19 -5.71 7.76 19.13
C SER B 19 -5.62 8.91 18.13
N ASP B 20 -6.65 9.04 17.30
CA ASP B 20 -6.72 10.09 16.28
C ASP B 20 -7.47 11.31 16.80
N VAL B 21 -8.19 11.14 17.90
CA VAL B 21 -8.98 12.22 18.48
C VAL B 21 -8.21 13.15 19.39
N SER B 22 -8.42 14.45 19.20
CA SER B 22 -7.75 15.48 19.99
C SER B 22 -8.27 15.48 21.41
N PRO B 23 -7.42 15.81 22.40
CA PRO B 23 -6.01 16.19 22.27
C PRO B 23 -4.99 15.06 22.39
N TYR B 24 -5.44 13.81 22.45
CA TYR B 24 -4.50 12.70 22.56
C TYR B 24 -3.56 12.64 21.36
N SER B 25 -4.11 12.83 20.17
CA SER B 25 -3.31 12.79 18.96
C SER B 25 -2.31 13.93 18.95
N ASP B 26 -2.79 15.09 19.38
CA ASP B 26 -2.00 16.31 19.44
C ASP B 26 -0.77 16.21 20.33
N ILE B 27 -0.89 15.43 21.39
CA ILE B 27 0.20 15.30 22.35
C ILE B 27 1.07 14.05 22.24
N TYR B 28 0.45 12.92 21.91
CA TYR B 28 1.18 11.66 21.80
C TYR B 28 1.38 11.19 20.36
N GLY B 29 0.43 11.56 19.51
CA GLY B 29 0.47 11.16 18.12
C GLY B 29 -0.39 9.91 17.97
N GLY B 30 -1.20 9.87 16.93
CA GLY B 30 -2.06 8.73 16.73
C GLY B 30 -1.71 7.81 15.56
N LEU B 31 -2.18 6.58 15.67
CA LEU B 31 -1.96 5.58 14.63
C LEU B 31 -3.27 4.85 14.45
N ILE B 32 -3.71 4.73 13.20
CA ILE B 32 -4.96 4.03 12.91
C ILE B 32 -4.89 3.16 11.68
N LEU B 33 -5.57 2.02 11.75
CA LEU B 33 -5.65 1.13 10.60
C LEU B 33 -7.13 0.96 10.35
N ASN B 34 -7.58 1.43 9.20
CA ASN B 34 -8.99 1.29 8.85
C ASN B 34 -9.17 0.84 7.40
N ALA B 35 -10.41 0.58 7.00
CA ALA B 35 -10.68 0.08 5.66
C ALA B 35 -12.07 0.47 5.21
N THR B 36 -12.16 0.96 3.98
CA THR B 36 -13.45 1.36 3.46
C THR B 36 -14.27 0.16 3.01
N ILE B 37 -15.59 0.23 3.19
CA ILE B 37 -16.51 -0.85 2.81
C ILE B 37 -17.60 -0.38 1.85
N ASN B 38 -18.19 -1.33 1.14
CA ASN B 38 -19.21 -1.04 0.13
C ASN B 38 -20.57 -0.50 0.56
N LEU B 39 -20.57 0.41 1.53
CA LEU B 39 -21.78 1.08 1.99
C LEU B 39 -21.44 2.53 1.67
N TYR B 40 -22.22 3.16 0.80
CA TYR B 40 -21.90 4.51 0.35
C TYR B 40 -22.84 5.68 0.65
N ALA B 41 -22.31 6.87 0.36
CA ALA B 41 -23.01 8.13 0.44
C ALA B 41 -22.97 8.52 -1.03
N TYR B 42 -24.09 9.01 -1.56
CA TYR B 42 -24.16 9.40 -2.97
C TYR B 42 -24.61 10.85 -3.10
N CYS B 43 -24.28 11.48 -4.21
CA CYS B 43 -24.66 12.86 -4.46
C CYS B 43 -24.58 13.12 -5.94
N THR B 44 -25.48 13.95 -6.45
CA THR B 44 -25.45 14.33 -7.84
C THR B 44 -25.75 15.82 -7.87
N ILE B 45 -25.03 16.54 -8.72
CA ILE B 45 -25.22 17.98 -8.85
C ILE B 45 -25.49 18.35 -10.30
N GLU B 46 -26.60 19.02 -10.54
CA GLU B 46 -26.94 19.48 -11.88
C GLU B 46 -27.17 20.99 -11.85
N GLU B 47 -26.36 21.68 -12.65
CA GLU B 47 -26.41 23.13 -12.75
C GLU B 47 -27.68 23.62 -13.44
N THR B 48 -28.53 24.32 -12.68
CA THR B 48 -29.76 24.86 -13.24
C THR B 48 -29.55 26.35 -13.52
N ASN B 49 -30.46 26.95 -14.29
CA ASN B 49 -30.35 28.36 -14.62
C ASN B 49 -31.62 29.09 -14.21
N SER B 50 -32.02 28.87 -12.96
CA SER B 50 -33.23 29.48 -12.41
C SER B 50 -32.92 30.20 -11.11
N GLY B 51 -31.74 30.83 -11.05
CA GLY B 51 -31.34 31.55 -9.85
C GLY B 51 -31.85 30.88 -8.58
N ARG B 52 -31.72 29.56 -8.52
CA ARG B 52 -32.19 28.81 -7.38
C ARG B 52 -31.22 27.71 -6.97
N ILE B 53 -31.46 27.12 -5.81
CA ILE B 53 -30.65 26.02 -5.28
C ILE B 53 -31.61 25.05 -4.58
N GLU B 54 -31.88 23.93 -5.24
CA GLU B 54 -32.80 22.92 -4.72
C GLU B 54 -32.07 21.80 -3.99
N ILE B 55 -32.60 21.41 -2.84
CA ILE B 55 -31.99 20.38 -2.01
C ILE B 55 -32.89 19.19 -1.68
N ASN B 56 -32.53 18.02 -2.19
CA ASN B 56 -33.30 16.80 -1.92
C ASN B 56 -32.34 15.86 -1.19
N ALA B 57 -32.14 16.14 0.10
CA ALA B 57 -31.25 15.38 0.95
C ALA B 57 -31.95 14.33 1.80
N TYR B 58 -32.27 13.19 1.18
CA TYR B 58 -32.93 12.08 1.87
C TYR B 58 -32.32 11.76 3.22
N ASP B 59 -31.00 11.93 3.34
CA ASP B 59 -30.30 11.63 4.58
C ASP B 59 -30.50 12.74 5.61
N ALA B 60 -30.91 13.92 5.14
CA ALA B 60 -31.15 15.05 6.03
C ALA B 60 -32.63 15.45 5.99
N GLN B 61 -33.50 14.50 5.64
CA GLN B 61 -34.94 14.71 5.53
C GLN B 61 -35.24 16.14 5.13
N CYS B 62 -34.75 16.53 3.95
CA CYS B 62 -34.95 17.89 3.49
C CYS B 62 -35.11 18.00 1.99
N CYS B 63 -36.23 18.60 1.57
CA CYS B 63 -36.51 18.81 0.16
C CYS B 63 -37.03 20.23 -0.08
N LYS B 64 -36.19 21.22 0.21
CA LYS B 64 -36.58 22.61 0.02
C LYS B 64 -35.86 23.28 -1.15
N SER B 65 -36.27 24.51 -1.42
CA SER B 65 -35.68 25.30 -2.50
C SER B 65 -35.30 26.64 -1.88
N TYR B 66 -34.16 27.20 -2.29
CA TYR B 66 -33.70 28.47 -1.73
C TYR B 66 -33.22 29.42 -2.81
N LEU B 67 -33.09 30.69 -2.43
CA LEU B 67 -32.60 31.72 -3.35
C LEU B 67 -31.10 31.52 -3.53
N SER B 68 -30.63 31.55 -4.77
CA SER B 68 -29.22 31.37 -5.03
C SER B 68 -28.41 32.53 -4.45
N SER B 70 -24.92 33.85 -1.78
CA SER B 70 -23.47 33.63 -1.71
C SER B 70 -23.21 32.62 -0.59
N GLN B 71 -24.10 32.64 0.39
CA GLN B 71 -24.00 31.74 1.53
C GLN B 71 -25.42 31.33 1.88
N LEU B 72 -25.55 30.21 2.58
CA LEU B 72 -26.85 29.71 3.00
C LEU B 72 -26.80 29.45 4.49
N GLU B 73 -27.62 30.19 5.23
CA GLU B 73 -27.70 30.07 6.68
C GLU B 73 -27.89 28.62 7.10
N ILE B 74 -27.38 28.26 8.28
CA ILE B 74 -27.52 26.90 8.77
C ILE B 74 -28.76 26.77 9.65
N ASP B 75 -29.92 26.60 9.01
CA ASP B 75 -31.18 26.46 9.74
C ASP B 75 -31.12 25.24 10.66
N GLY B 76 -30.29 24.27 10.28
CA GLY B 76 -30.17 23.05 11.03
C GLY B 76 -30.78 21.96 10.14
N GLU B 77 -31.07 22.36 8.91
CA GLU B 77 -31.64 21.48 7.90
C GLU B 77 -30.64 21.38 6.75
N ALA B 78 -30.19 20.17 6.46
CA ALA B 78 -29.23 19.97 5.37
C ALA B 78 -27.95 20.74 5.67
N SER B 79 -27.49 20.63 6.91
CA SER B 79 -26.28 21.32 7.34
C SER B 79 -25.05 20.92 6.53
N LEU B 80 -24.91 19.62 6.27
CA LEU B 80 -23.77 19.09 5.52
C LEU B 80 -23.68 19.70 4.13
N ILE B 81 -24.82 19.76 3.42
CA ILE B 81 -24.80 20.33 2.09
C ILE B 81 -24.56 21.84 2.16
N LYS B 82 -25.31 22.52 3.03
CA LYS B 82 -25.15 23.97 3.16
C LYS B 82 -23.72 24.26 3.64
N GLY B 83 -23.26 23.45 4.58
CA GLY B 83 -21.92 23.61 5.12
C GLY B 83 -20.85 23.54 4.04
N VAL B 84 -20.96 22.58 3.14
CA VAL B 84 -19.98 22.43 2.07
C VAL B 84 -20.05 23.61 1.11
N TYR B 85 -21.27 23.90 0.63
CA TYR B 85 -21.48 24.99 -0.30
C TYR B 85 -20.89 26.32 0.19
N ASN B 86 -21.21 26.68 1.43
CA ASN B 86 -20.69 27.93 1.97
C ASN B 86 -19.17 28.04 1.93
N ARG B 87 -18.48 27.01 2.41
CA ARG B 87 -17.04 27.01 2.41
C ARG B 87 -16.50 27.17 0.98
N ILE B 88 -17.13 26.50 0.02
CA ILE B 88 -16.69 26.56 -1.38
C ILE B 88 -16.79 27.96 -1.95
N ILE B 89 -17.88 28.65 -1.67
CA ILE B 89 -18.06 30.02 -2.15
C ILE B 89 -16.99 30.95 -1.56
N ARG B 90 -16.71 30.78 -0.27
CA ARG B 90 -15.71 31.62 0.42
C ARG B 90 -14.29 31.36 -0.09
N ASP B 91 -13.88 30.10 -0.03
CA ASP B 91 -12.54 29.68 -0.44
C ASP B 91 -12.16 30.00 -1.88
N TYR B 92 -13.15 30.20 -2.74
CA TYR B 92 -12.85 30.48 -4.15
C TYR B 92 -13.44 31.79 -4.64
N ARG B 93 -14.19 32.46 -3.76
CA ARG B 93 -14.79 33.75 -4.08
C ARG B 93 -15.55 33.69 -5.40
N LEU B 94 -16.44 32.71 -5.51
CA LEU B 94 -17.24 32.53 -6.72
C LEU B 94 -18.60 33.16 -6.53
N GLU B 95 -19.23 33.57 -7.63
CA GLU B 95 -20.54 34.19 -7.57
C GLU B 95 -21.54 33.11 -7.17
N PRO B 96 -22.71 33.50 -6.65
CA PRO B 96 -23.66 32.46 -6.26
C PRO B 96 -23.88 31.53 -7.44
N LYS B 97 -24.30 30.30 -7.16
CA LYS B 97 -24.54 29.33 -8.22
C LYS B 97 -25.95 28.76 -8.19
N SER B 98 -26.44 28.36 -9.37
CA SER B 98 -27.78 27.78 -9.50
C SER B 98 -27.65 26.30 -9.86
N PHE B 99 -28.23 25.44 -9.02
CA PHE B 99 -28.15 24.00 -9.24
C PHE B 99 -29.12 23.21 -8.39
N LYS B 100 -29.32 21.95 -8.76
CA LYS B 100 -30.18 21.04 -8.03
C LYS B 100 -29.24 19.96 -7.50
N ILE B 101 -29.28 19.69 -6.21
CA ILE B 101 -28.42 18.68 -5.62
C ILE B 101 -29.21 17.65 -4.83
N THR B 102 -28.90 16.37 -5.10
CA THR B 102 -29.59 15.26 -4.45
C THR B 102 -28.60 14.41 -3.67
N THR B 103 -29.04 13.94 -2.51
CA THR B 103 -28.16 13.18 -1.63
C THR B 103 -28.83 12.09 -0.81
N TYR B 104 -28.15 10.94 -0.66
CA TYR B 104 -28.68 9.84 0.17
C TYR B 104 -27.56 8.90 0.61
N ASN B 105 -27.77 8.22 1.74
CA ASN B 105 -26.77 7.34 2.36
C ASN B 105 -27.27 5.89 2.48
N ASP B 106 -26.34 4.95 2.63
CA ASP B 106 -26.67 3.53 2.76
C ASP B 106 -26.80 3.10 4.22
N ALA B 107 -26.39 3.97 5.14
CA ALA B 107 -26.47 3.68 6.57
C ALA B 107 -26.93 4.94 7.31
N PRO B 108 -27.86 4.77 8.28
CA PRO B 108 -28.40 5.91 9.07
C PRO B 108 -27.34 6.84 9.70
N ALA B 109 -27.81 7.97 10.21
CA ALA B 109 -26.96 8.99 10.84
C ALA B 109 -25.89 8.43 11.78
N GLY B 110 -26.33 7.73 12.83
CA GLY B 110 -25.39 7.17 13.77
C GLY B 110 -24.56 6.07 13.13
N SER B 111 -24.98 4.82 13.34
CA SER B 111 -24.32 3.64 12.78
C SER B 111 -22.83 3.46 13.15
N GLY B 112 -22.12 4.56 13.30
CA GLY B 112 -20.71 4.47 13.66
C GLY B 112 -19.75 4.02 12.57
N LEU B 113 -20.05 4.40 11.32
CA LEU B 113 -19.21 4.04 10.18
C LEU B 113 -18.69 5.28 9.44
N GLY B 114 -18.75 6.43 10.12
CA GLY B 114 -18.26 7.69 9.54
C GLY B 114 -19.24 8.34 8.58
N THR B 115 -20.50 7.91 8.66
CA THR B 115 -21.56 8.43 7.80
C THR B 115 -21.43 9.90 7.46
N SER B 116 -21.42 10.74 8.50
CA SER B 116 -21.32 12.18 8.34
C SER B 116 -20.06 12.63 7.56
N SER B 117 -18.89 12.13 7.96
CA SER B 117 -17.66 12.51 7.26
C SER B 117 -17.67 12.00 5.81
N THR B 118 -18.27 10.83 5.59
CA THR B 118 -18.33 10.26 4.25
C THR B 118 -19.24 11.08 3.36
N VAL B 120 -19.91 14.33 3.67
CA VAL B 120 -19.23 15.61 3.44
C VAL B 120 -18.18 15.43 2.35
N VAL B 121 -17.39 14.38 2.46
CA VAL B 121 -16.39 14.10 1.43
C VAL B 121 -17.12 13.92 0.10
N CYS B 122 -18.20 13.14 0.13
CA CYS B 122 -18.95 12.89 -1.08
C CYS B 122 -19.45 14.20 -1.71
N ILE B 123 -20.00 15.10 -0.91
CA ILE B 123 -20.50 16.36 -1.47
C ILE B 123 -19.35 17.19 -2.03
N LEU B 124 -18.22 17.17 -1.32
CA LEU B 124 -17.04 17.90 -1.75
C LEU B 124 -16.63 17.41 -3.12
N LYS B 125 -16.47 16.09 -3.24
CA LYS B 125 -16.09 15.49 -4.51
C LYS B 125 -17.01 15.94 -5.62
N ALA B 126 -18.32 16.01 -5.37
CA ALA B 126 -19.24 16.47 -6.40
C ALA B 126 -18.87 17.90 -6.84
N PHE B 127 -18.73 18.79 -5.85
CA PHE B 127 -18.36 20.18 -6.13
C PHE B 127 -17.01 20.24 -6.84
N ILE B 128 -16.06 19.43 -6.40
CA ILE B 128 -14.75 19.42 -7.04
C ILE B 128 -14.89 19.10 -8.53
N GLU B 129 -15.72 18.10 -8.82
CA GLU B 129 -15.97 17.64 -10.19
C GLU B 129 -16.74 18.71 -10.94
N TRP B 130 -17.76 19.22 -10.29
CA TRP B 130 -18.68 20.23 -10.79
C TRP B 130 -18.03 21.59 -11.11
N LEU B 131 -17.01 21.96 -10.33
CA LEU B 131 -16.34 23.25 -10.52
C LEU B 131 -14.84 23.15 -10.78
N SER B 132 -14.34 21.93 -10.98
CA SER B 132 -12.91 21.73 -11.23
C SER B 132 -12.01 22.31 -10.14
N LEU B 133 -12.35 22.07 -8.87
CA LEU B 133 -11.55 22.58 -7.76
C LEU B 133 -10.20 21.88 -7.65
N PRO B 134 -9.11 22.64 -7.49
CA PRO B 134 -7.76 22.09 -7.36
C PRO B 134 -7.59 21.48 -5.97
N LEU B 135 -8.30 20.38 -5.72
CA LEU B 135 -8.26 19.70 -4.43
C LEU B 135 -8.07 18.20 -4.56
N GLY B 136 -6.97 17.69 -4.02
CA GLY B 136 -6.69 16.26 -4.07
C GLY B 136 -7.09 15.57 -2.77
N ASP B 137 -6.71 14.31 -2.62
CA ASP B 137 -7.05 13.54 -1.44
C ASP B 137 -6.78 14.26 -0.11
N TYR B 138 -5.53 14.65 0.13
CA TYR B 138 -5.19 15.33 1.37
C TYR B 138 -5.99 16.60 1.59
N GLU B 139 -6.03 17.46 0.58
CA GLU B 139 -6.77 18.71 0.69
C GLU B 139 -8.25 18.47 0.97
N THR B 140 -8.82 17.46 0.30
CA THR B 140 -10.23 17.11 0.48
C THR B 140 -10.51 16.68 1.90
N SER B 141 -9.69 15.80 2.43
CA SER B 141 -9.88 15.32 3.79
C SER B 141 -9.78 16.50 4.76
N ARG B 142 -8.76 17.33 4.54
CA ARG B 142 -8.52 18.50 5.37
C ARG B 142 -9.74 19.40 5.30
N LEU B 143 -10.12 19.75 4.07
CA LEU B 143 -11.27 20.61 3.86
C LEU B 143 -12.52 20.02 4.53
N ALA B 144 -12.70 18.71 4.40
CA ALA B 144 -13.86 18.04 5.00
C ALA B 144 -13.87 18.18 6.52
N TYR B 145 -12.74 17.87 7.14
CA TYR B 145 -12.60 17.97 8.60
C TYR B 145 -12.88 19.42 9.04
N GLU B 146 -12.17 20.36 8.42
CA GLU B 146 -12.36 21.78 8.75
C GLU B 146 -13.83 22.21 8.67
N ILE B 147 -14.52 21.78 7.61
CA ILE B 147 -15.94 22.12 7.43
C ILE B 147 -16.84 21.48 8.47
N GLU B 148 -16.56 20.22 8.79
CA GLU B 148 -17.37 19.46 9.75
C GLU B 148 -17.04 19.69 11.21
N ARG B 149 -15.76 19.77 11.51
CA ARG B 149 -15.31 19.94 12.88
C ARG B 149 -15.19 21.40 13.34
N LYS B 150 -15.24 22.34 12.41
CA LYS B 150 -15.17 23.73 12.78
C LYS B 150 -16.40 24.50 12.33
N ASP B 151 -16.51 24.74 11.02
CA ASP B 151 -17.64 25.47 10.47
C ASP B 151 -18.98 25.01 11.06
N LEU B 152 -19.16 23.70 11.16
CA LEU B 152 -20.40 23.13 11.69
C LEU B 152 -20.32 22.78 13.17
N GLY B 153 -19.13 22.91 13.74
CA GLY B 153 -18.96 22.60 15.15
C GLY B 153 -19.34 21.17 15.53
N LEU B 154 -18.98 20.21 14.69
CA LEU B 154 -19.26 18.81 14.97
C LEU B 154 -17.97 18.20 15.50
N SER B 155 -18.07 17.51 16.65
CA SER B 155 -16.90 16.91 17.28
C SER B 155 -16.64 15.45 16.90
N GLY B 156 -15.37 15.14 16.65
CA GLY B 156 -14.98 13.79 16.30
C GLY B 156 -13.48 13.64 16.06
N GLY B 157 -13.07 12.45 15.60
CA GLY B 157 -11.67 12.22 15.31
C GLY B 157 -11.31 12.74 13.93
N LYS B 158 -10.34 12.12 13.26
CA LYS B 158 -9.93 12.58 11.92
C LYS B 158 -9.88 11.41 10.92
N GLN B 159 -9.92 10.19 11.42
CA GLN B 159 -9.83 9.01 10.57
C GLN B 159 -10.94 8.81 9.54
N ASP B 160 -12.16 9.27 9.86
CA ASP B 160 -13.30 9.13 8.96
C ASP B 160 -13.22 9.95 7.67
N GLN B 161 -12.82 11.21 7.79
CA GLN B 161 -12.72 12.04 6.59
C GLN B 161 -11.70 11.45 5.63
N TYR B 162 -10.54 11.05 6.16
CA TYR B 162 -9.46 10.51 5.37
C TYR B 162 -9.80 9.17 4.68
N ALA B 163 -10.42 8.26 5.41
CA ALA B 163 -10.76 6.97 4.83
C ALA B 163 -11.69 7.18 3.66
N ALA B 164 -12.72 8.00 3.85
CA ALA B 164 -13.69 8.25 2.78
C ALA B 164 -13.03 8.83 1.55
N ALA B 165 -12.07 9.73 1.76
CA ALA B 165 -11.38 10.37 0.66
C ALA B 165 -10.36 9.47 -0.02
N PHE B 166 -9.52 8.81 0.76
CA PHE B 166 -8.48 7.94 0.23
C PHE B 166 -8.92 6.56 -0.22
N GLY B 167 -9.72 5.88 0.60
CA GLY B 167 -10.22 4.56 0.24
C GLY B 167 -9.27 3.39 0.44
N GLY B 168 -9.83 2.18 0.56
CA GLY B 168 -9.04 0.97 0.75
C GLY B 168 -8.57 0.76 2.17
N PHE B 169 -7.51 -0.04 2.33
CA PHE B 169 -6.90 -0.31 3.62
C PHE B 169 -5.80 0.74 3.81
N ASN B 170 -5.91 1.52 4.88
CA ASN B 170 -4.98 2.59 5.17
C ASN B 170 -4.37 2.55 6.57
N TYR B 171 -3.10 2.92 6.67
CA TYR B 171 -2.41 2.98 7.94
C TYR B 171 -2.14 4.47 8.09
N GLU B 173 -1.11 7.95 10.31
CA GLU B 173 -0.32 8.50 11.40
C GLU B 173 -0.80 9.93 11.64
N PHE B 174 -1.32 10.18 12.83
CA PHE B 174 -1.79 11.51 13.19
C PHE B 174 -0.71 12.12 14.07
N LEU B 175 0.19 12.85 13.44
CA LEU B 175 1.30 13.47 14.13
C LEU B 175 0.92 14.76 14.82
N GLN B 176 1.71 15.16 15.81
CA GLN B 176 1.48 16.39 16.53
C GLN B 176 1.54 17.53 15.51
N ASN B 177 0.95 18.68 15.84
CA ASN B 177 0.95 19.80 14.90
C ASN B 177 0.08 19.30 13.73
N ASP B 178 -1.02 18.67 14.13
CA ASP B 178 -2.03 18.06 13.26
C ASP B 178 -1.66 17.69 11.83
N LEU B 179 -0.47 17.12 11.65
CA LEU B 179 -0.04 16.65 10.34
C LEU B 179 -0.60 15.23 10.26
N VAL B 180 -0.82 14.72 9.05
CA VAL B 180 -1.33 13.37 8.88
C VAL B 180 -0.71 12.66 7.69
N ILE B 181 -0.20 11.45 7.92
CA ILE B 181 0.41 10.67 6.85
C ILE B 181 -0.48 9.46 6.57
N VAL B 182 -0.92 9.32 5.33
CA VAL B 182 -1.74 8.17 4.96
C VAL B 182 -0.85 7.19 4.20
N ASN B 183 -0.67 6.01 4.77
CA ASN B 183 0.11 4.97 4.11
C ASN B 183 -0.88 4.01 3.44
N PRO B 184 -1.14 4.20 2.14
CA PRO B 184 -2.06 3.38 1.34
C PRO B 184 -1.54 1.95 1.19
N LEU B 185 -2.17 1.01 1.88
CA LEU B 185 -1.74 -0.37 1.80
C LEU B 185 -2.43 -1.16 0.69
N LYS B 186 -1.64 -1.97 -0.03
CA LYS B 186 -2.21 -2.83 -1.05
C LYS B 186 -2.49 -4.09 -0.26
N LYS B 188 -3.31 -8.12 -0.60
CA LYS B 188 -3.42 -9.28 -1.47
C LYS B 188 -4.88 -9.77 -1.45
N ARG B 189 -5.41 -10.12 -2.62
CA ARG B 189 -6.79 -10.57 -2.73
C ARG B 189 -7.18 -11.70 -1.78
N TRP B 190 -6.30 -12.68 -1.58
CA TRP B 190 -6.64 -13.79 -0.68
C TRP B 190 -6.85 -13.32 0.76
N ILE B 191 -6.05 -12.34 1.20
CA ILE B 191 -6.19 -11.81 2.56
C ILE B 191 -7.51 -11.06 2.70
N VAL B 192 -7.87 -10.28 1.69
CA VAL B 192 -9.12 -9.55 1.71
C VAL B 192 -10.29 -10.53 1.77
N ASP B 193 -10.24 -11.56 0.92
CA ASP B 193 -11.30 -12.58 0.89
C ASP B 193 -11.37 -13.37 2.19
N GLU B 194 -10.21 -13.75 2.72
CA GLU B 194 -10.12 -14.52 3.96
C GLU B 194 -10.69 -13.70 5.11
N LEU B 195 -10.34 -12.42 5.15
CA LEU B 195 -10.82 -11.53 6.20
C LEU B 195 -12.33 -11.37 6.18
N GLU B 196 -12.91 -11.17 5.00
CA GLU B 196 -14.35 -10.99 4.89
C GLU B 196 -15.11 -12.27 5.25
N SER B 197 -14.52 -13.42 4.88
CA SER B 197 -15.16 -14.68 5.18
C SER B 197 -15.05 -14.94 6.69
N SER B 198 -14.14 -14.20 7.34
CA SER B 198 -13.90 -14.29 8.78
C SER B 198 -14.63 -13.15 9.53
N VAL B 200 -18.23 -10.75 10.61
CA VAL B 200 -19.67 -10.54 10.72
C VAL B 200 -19.93 -9.17 11.33
N LEU B 201 -20.72 -8.36 10.62
CA LEU B 201 -21.06 -7.02 11.10
C LEU B 201 -22.45 -7.08 11.71
N TYR B 202 -22.53 -6.86 13.02
CA TYR B 202 -23.80 -6.92 13.73
C TYR B 202 -24.22 -5.60 14.38
N PHE B 203 -25.38 -5.11 13.95
CA PHE B 203 -25.95 -3.89 14.51
C PHE B 203 -26.95 -4.36 15.56
N THR B 204 -26.82 -3.89 16.80
CA THR B 204 -27.73 -4.29 17.87
C THR B 204 -29.15 -3.78 17.69
N GLN B 226 -4.32 11.36 33.72
CA GLN B 226 -5.21 10.26 34.08
C GLN B 226 -4.60 8.90 33.74
N THR B 227 -5.42 7.86 33.68
CA THR B 227 -4.97 6.51 33.35
C THR B 227 -5.59 5.97 32.08
N ALA B 228 -6.47 6.78 31.53
CA ALA B 228 -7.08 6.48 30.27
C ALA B 228 -5.82 6.34 29.41
N ILE B 229 -5.22 7.48 29.08
CA ILE B 229 -4.00 7.53 28.27
C ILE B 229 -3.24 6.23 28.23
N GLU B 230 -2.75 5.78 29.38
CA GLU B 230 -2.05 4.51 29.48
C GLU B 230 -2.74 3.43 28.64
N ALA B 231 -4.06 3.45 28.66
CA ALA B 231 -4.88 2.50 27.91
C ALA B 231 -4.83 2.87 26.44
N HIS B 233 -2.58 4.23 24.92
CA HIS B 233 -1.27 3.88 24.36
C HIS B 233 -1.32 2.46 23.84
N LYS B 234 -2.00 1.58 24.58
CA LYS B 234 -2.12 0.19 24.19
C LYS B 234 -2.92 0.12 22.91
N ILE B 235 -4.00 0.89 22.86
CA ILE B 235 -4.85 0.93 21.68
C ILE B 235 -4.03 1.39 20.47
N LYS B 236 -3.26 2.46 20.64
CA LYS B 236 -2.42 2.97 19.57
C LYS B 236 -1.45 1.88 19.12
N GLN B 237 -0.85 1.20 20.09
CA GLN B 237 0.07 0.12 19.81
C GLN B 237 -0.63 -1.01 19.05
N SER B 238 -1.94 -1.14 19.24
CA SER B 238 -2.66 -2.22 18.55
C SER B 238 -2.73 -1.95 17.04
N ALA B 239 -2.75 -0.67 16.66
CA ALA B 239 -2.78 -0.35 15.24
C ALA B 239 -1.54 -0.98 14.59
N ILE B 240 -0.41 -0.93 15.28
CA ILE B 240 0.84 -1.49 14.78
C ILE B 240 0.78 -3.01 14.66
N ASP B 241 0.37 -3.68 15.74
CA ASP B 241 0.31 -5.14 15.73
C ASP B 241 -0.74 -5.66 14.75
N THR B 242 -1.82 -4.91 14.58
CA THR B 242 -2.86 -5.31 13.66
C THR B 242 -2.38 -5.19 12.21
N LYS B 243 -1.62 -4.15 11.91
CA LYS B 243 -1.10 -3.96 10.55
C LYS B 243 -0.25 -5.18 10.18
N LEU B 244 0.75 -5.45 11.01
CA LEU B 244 1.65 -6.56 10.82
C LEU B 244 0.88 -7.87 10.69
N ALA B 245 -0.10 -8.06 11.57
CA ALA B 245 -0.91 -9.27 11.56
C ALA B 245 -1.71 -9.49 10.25
N LEU B 246 -2.40 -8.46 9.76
CA LEU B 246 -3.20 -8.59 8.54
C LEU B 246 -2.35 -8.60 7.27
N LEU B 247 -1.21 -7.93 7.28
CA LEU B 247 -0.35 -7.93 6.10
C LEU B 247 0.13 -9.35 5.82
N LYS B 248 0.24 -10.14 6.88
CA LYS B 248 0.67 -11.52 6.78
C LYS B 248 -0.53 -12.44 6.66
N GLY B 249 -1.73 -11.84 6.65
CA GLY B 249 -2.95 -12.60 6.53
C GLY B 249 -3.23 -13.48 7.73
N ASP B 250 -2.64 -13.11 8.87
CA ASP B 250 -2.85 -13.89 10.08
C ASP B 250 -4.12 -13.42 10.79
N VAL B 251 -5.28 -13.91 10.36
CA VAL B 251 -6.54 -13.49 10.99
C VAL B 251 -6.63 -13.93 12.45
N GLY B 252 -5.94 -15.02 12.78
CA GLY B 252 -5.96 -15.53 14.14
C GLY B 252 -5.36 -14.54 15.11
N GLU B 253 -4.23 -13.93 14.74
CA GLU B 253 -3.61 -12.94 15.60
C GLU B 253 -4.52 -11.72 15.66
N PHE B 254 -5.15 -11.37 14.54
CA PHE B 254 -6.05 -10.23 14.53
C PHE B 254 -7.12 -10.48 15.58
N ALA B 255 -7.71 -11.68 15.54
CA ALA B 255 -8.75 -12.06 16.50
C ALA B 255 -8.23 -11.88 17.93
N ARG B 256 -7.03 -12.38 18.19
CA ARG B 256 -6.42 -12.27 19.52
C ARG B 256 -6.35 -10.80 19.97
N ILE B 257 -5.85 -9.93 19.08
CA ILE B 257 -5.72 -8.51 19.38
C ILE B 257 -7.07 -7.86 19.71
N LEU B 258 -8.13 -8.30 19.04
CA LEU B 258 -9.45 -7.75 19.31
C LEU B 258 -9.95 -8.17 20.70
N GLY B 259 -9.69 -9.42 21.06
CA GLY B 259 -10.12 -9.93 22.36
C GLY B 259 -9.40 -9.19 23.47
N GLU B 260 -8.07 -9.21 23.42
CA GLU B 260 -7.25 -8.54 24.42
C GLU B 260 -7.74 -7.11 24.60
N GLY B 261 -8.18 -6.50 23.51
CA GLY B 261 -8.68 -5.13 23.57
C GLY B 261 -10.03 -5.06 24.27
N TRP B 262 -10.94 -5.94 23.89
CA TRP B 262 -12.28 -5.97 24.48
C TRP B 262 -12.12 -6.12 25.99
N GLU B 263 -11.31 -7.08 26.40
CA GLU B 263 -11.07 -7.31 27.82
C GLU B 263 -10.57 -6.04 28.48
N ASN B 264 -9.72 -5.31 27.76
CA ASN B 264 -9.14 -4.07 28.28
C ASN B 264 -10.09 -2.88 28.29
N LYS B 265 -11.10 -2.88 27.43
CA LYS B 265 -12.04 -1.77 27.39
C LYS B 265 -13.25 -2.08 28.27
N LYS B 266 -13.02 -2.85 29.33
CA LYS B 266 -14.08 -3.21 30.26
C LYS B 266 -13.64 -3.08 31.72
N LYS B 267 -12.33 -3.11 31.94
CA LYS B 267 -11.77 -2.99 33.29
C LYS B 267 -10.73 -1.87 33.35
N GLU B 279 -21.33 -4.49 28.52
CA GLU B 279 -22.26 -4.56 29.66
C GLU B 279 -23.70 -4.34 29.21
N ALA B 280 -23.90 -3.43 28.26
CA ALA B 280 -25.25 -3.14 27.75
C ALA B 280 -25.85 -4.41 27.14
N PHE B 281 -25.53 -4.65 25.86
CA PHE B 281 -25.99 -5.83 25.15
C PHE B 281 -24.81 -6.71 24.74
N ASP B 282 -24.35 -7.55 25.66
CA ASP B 282 -23.26 -8.47 25.37
C ASP B 282 -23.95 -9.82 25.23
N VAL B 283 -25.24 -9.76 24.94
CA VAL B 283 -26.08 -10.93 24.72
C VAL B 283 -25.75 -11.36 23.29
N ALA B 284 -25.10 -10.44 22.57
CA ALA B 284 -24.68 -10.67 21.21
C ALA B 284 -23.38 -11.47 21.28
N THR B 285 -22.51 -11.06 22.20
CA THR B 285 -21.23 -11.73 22.40
C THR B 285 -21.56 -13.12 22.97
N GLY B 286 -22.76 -13.25 23.52
CA GLY B 286 -23.20 -14.52 24.08
C GLY B 286 -23.09 -15.57 22.99
N ALA B 287 -23.88 -15.41 21.93
CA ALA B 287 -23.82 -16.34 20.79
C ALA B 287 -22.79 -15.71 19.85
N GLY B 288 -21.51 -15.88 20.16
CA GLY B 288 -20.49 -15.29 19.33
C GLY B 288 -19.57 -16.20 18.54
N ALA B 289 -18.39 -15.66 18.23
CA ALA B 289 -17.36 -16.37 17.46
C ALA B 289 -16.04 -16.41 18.24
N ALA B 291 -13.78 -13.45 18.57
CA ALA B 291 -13.60 -12.19 19.25
C ALA B 291 -14.57 -11.17 18.72
N GLY B 292 -14.51 -9.97 19.30
CA GLY B 292 -15.39 -8.91 18.88
C GLY B 292 -14.83 -7.56 19.29
N LYS B 293 -15.31 -6.53 18.61
CA LYS B 293 -14.90 -5.16 18.88
C LYS B 293 -16.15 -4.31 18.71
N VAL B 294 -16.37 -3.41 19.67
CA VAL B 294 -17.54 -2.55 19.62
C VAL B 294 -17.15 -1.19 19.05
N SER B 295 -17.97 -0.70 18.12
CA SER B 295 -17.71 0.59 17.50
C SER B 295 -18.89 1.50 17.79
N GLY B 296 -18.75 2.78 17.44
CA GLY B 296 -19.80 3.76 17.67
C GLY B 296 -21.14 3.43 17.04
N ALA B 297 -22.21 3.97 17.61
CA ALA B 297 -23.56 3.75 17.12
C ALA B 297 -23.82 2.30 16.68
N GLY B 301 -23.33 0.07 19.86
CA GLY B 301 -24.48 -0.35 19.08
C GLY B 301 -24.08 -0.94 17.75
N PHE B 302 -22.91 -1.57 17.72
CA PHE B 302 -22.37 -2.19 16.52
C PHE B 302 -21.15 -3.03 16.89
N ILE B 303 -21.20 -4.34 16.62
CA ILE B 303 -20.08 -5.20 16.94
C ILE B 303 -19.49 -5.82 15.69
N PHE B 305 -17.48 -8.78 14.67
CA PHE B 305 -17.02 -10.10 15.11
C PHE B 305 -16.02 -10.73 14.14
N VAL B 306 -15.06 -11.46 14.68
CA VAL B 306 -14.09 -12.19 13.88
C VAL B 306 -14.37 -13.66 14.18
N VAL B 307 -14.84 -14.39 13.16
CA VAL B 307 -15.19 -15.79 13.32
C VAL B 307 -14.43 -16.73 12.40
N GLU B 308 -14.54 -18.04 12.69
CA GLU B 308 -13.95 -19.07 11.86
C GLU B 308 -14.83 -19.12 10.63
N PRO B 309 -14.23 -19.01 9.44
CA PRO B 309 -14.99 -19.04 8.19
C PRO B 309 -16.02 -20.17 8.07
N THR B 310 -15.65 -21.38 8.45
CA THR B 310 -16.57 -22.52 8.36
C THR B 310 -17.71 -22.46 9.39
N ARG B 311 -17.64 -21.48 10.28
CA ARG B 311 -18.68 -21.32 11.30
C ARG B 311 -19.36 -19.96 11.15
N LYS B 312 -18.87 -19.13 10.22
CA LYS B 312 -19.43 -17.81 9.98
C LYS B 312 -20.94 -17.87 9.79
N GLU B 313 -21.42 -18.81 9.00
CA GLU B 313 -22.85 -18.90 8.77
C GLU B 313 -23.60 -19.21 10.07
N GLU B 314 -23.04 -20.09 10.89
CA GLU B 314 -23.69 -20.44 12.15
C GLU B 314 -23.88 -19.16 12.95
N VAL B 315 -22.82 -18.35 13.05
CA VAL B 315 -22.87 -17.10 13.79
C VAL B 315 -23.92 -16.14 13.25
N VAL B 316 -24.01 -16.02 11.93
CA VAL B 316 -24.98 -15.10 11.34
C VAL B 316 -26.44 -15.47 11.62
N ARG B 317 -26.73 -16.76 11.69
CA ARG B 317 -28.09 -17.23 11.95
C ARG B 317 -28.48 -17.03 13.42
N ALA B 318 -27.53 -17.27 14.31
CA ALA B 318 -27.77 -17.10 15.73
C ALA B 318 -28.02 -15.62 16.00
N LEU B 319 -27.14 -14.76 15.50
CA LEU B 319 -27.29 -13.31 15.70
C LEU B 319 -28.59 -12.81 15.10
N ASN B 320 -29.01 -13.40 13.98
CA ASN B 320 -30.24 -13.00 13.31
C ASN B 320 -31.51 -13.36 14.09
N ASN B 321 -31.38 -14.23 15.07
CA ASN B 321 -32.52 -14.62 15.88
C ASN B 321 -32.78 -13.54 16.92
N LEU B 322 -31.73 -12.78 17.22
CA LEU B 322 -31.84 -11.69 18.18
C LEU B 322 -32.56 -10.50 17.57
N ASN B 323 -32.60 -9.41 18.32
CA ASN B 323 -33.29 -8.18 17.93
C ASN B 323 -32.55 -7.32 16.90
N GLY B 324 -31.24 -7.54 16.77
CA GLY B 324 -30.45 -6.79 15.83
C GLY B 324 -30.37 -7.50 14.49
N PHE B 325 -29.48 -7.04 13.62
CA PHE B 325 -29.33 -7.65 12.31
C PHE B 325 -27.88 -7.64 11.81
N VAL B 326 -27.56 -8.63 10.99
CA VAL B 326 -26.24 -8.73 10.41
C VAL B 326 -26.20 -7.83 9.19
N PRO B 328 -24.49 -7.24 5.79
CA PRO B 328 -23.59 -7.87 4.81
C PRO B 328 -22.75 -6.78 4.12
N PHE B 329 -21.47 -7.06 3.89
CA PHE B 329 -20.60 -6.06 3.28
C PHE B 329 -19.37 -6.70 2.63
N GLN B 330 -18.58 -5.86 1.95
CA GLN B 330 -17.33 -6.27 1.32
C GLN B 330 -16.42 -5.04 1.42
N PHE B 331 -15.12 -5.27 1.47
CA PHE B 331 -14.20 -4.17 1.49
C PHE B 331 -14.18 -3.56 0.09
N ILE B 332 -13.96 -2.26 -0.03
CA ILE B 332 -13.89 -1.62 -1.34
C ILE B 332 -12.57 -0.86 -1.39
N ASP B 333 -11.80 -1.06 -2.45
CA ASP B 333 -10.51 -0.42 -2.57
C ASP B 333 -10.46 1.05 -3.00
N ASP B 334 -11.49 1.53 -3.68
CA ASP B 334 -11.48 2.92 -4.13
C ASP B 334 -12.03 3.88 -3.10
N GLY B 335 -11.52 5.09 -3.13
CA GLY B 335 -11.99 6.13 -2.23
C GLY B 335 -13.02 6.95 -2.97
N ALA B 336 -13.44 8.07 -2.38
CA ALA B 336 -14.43 8.94 -3.00
C ALA B 336 -14.04 9.28 -4.42
N HIS B 337 -15.04 9.52 -5.27
CA HIS B 337 -14.77 9.91 -6.64
C HIS B 337 -16.01 10.48 -7.32
N GLY B 338 -15.79 11.27 -8.36
CA GLY B 338 -16.89 11.87 -9.08
C GLY B 338 -16.77 11.60 -10.56
N TRP B 339 -17.85 11.83 -11.28
CA TRP B 339 -17.83 11.61 -12.71
C TRP B 339 -18.88 12.53 -13.35
N LYS B 340 -18.75 12.79 -14.64
CA LYS B 340 -19.70 13.67 -15.31
C LYS B 340 -20.55 12.93 -16.32
N ILE B 341 -21.80 13.34 -16.44
CA ILE B 341 -22.71 12.76 -17.40
C ILE B 341 -23.06 13.91 -18.35
N TYR B 342 -22.50 13.86 -19.55
CA TYR B 342 -22.73 14.88 -20.55
C TYR B 342 -24.05 14.65 -21.28
N SER B 343 -25.01 15.53 -21.06
CA SER B 343 -26.32 15.39 -21.71
C SER B 343 -26.28 15.97 -23.12
#